data_2P9A
#
_entry.id   2P9A
#
_cell.length_a   37.986
_cell.length_b   60.649
_cell.length_c   50.486
_cell.angle_alpha   90.00
_cell.angle_beta   104.82
_cell.angle_gamma   90.00
#
_symmetry.space_group_name_H-M   'P 1 21 1'
#
loop_
_entity.id
_entity.type
_entity.pdbx_description
1 polymer 'Methionine aminopeptidase'
2 non-polymer 'MANGANESE (II) ION'
3 non-polymer 'SODIUM ION'
4 non-polymer 5-(2-chlorophenyl)furan-2-carbohydrazide
5 water water
#
_entity_poly.entity_id   1
_entity_poly.type   'polypeptide(L)'
_entity_poly.pdbx_seq_one_letter_code
;AISIKTPEDIEKMRVAGRLAAEVLEMIEPYVKPGVSTGELDRICNDYIVNEQHAVSACLGYHGYPKSVCISINEVVCHGI
PDDAKLLKDGDIVNIDVTVIKDGFHGDTSKMFIVGKPTIMGERLCRITQESLYLALRMVKPGINLREIGAAIQKFVEAEG
FSVVREYCGHGIGRGFHEEPQVLHYDSRETNVVLKPGMTFTIEPMVNAGKKEIRTMKDGWTVKTKDRSLSAQYEHTIVVT
DNGCEILTLRKDDTIPAIISHD
;
_entity_poly.pdbx_strand_id   A
#
loop_
_chem_comp.id
_chem_comp.type
_chem_comp.name
_chem_comp.formula
MN non-polymer 'MANGANESE (II) ION' 'Mn 2'
NA non-polymer 'SODIUM ION' 'Na 1'
YE6 non-polymer 5-(2-chlorophenyl)furan-2-carbohydrazide 'C11 H9 Cl N2 O2'
#
# COMPACT_ATOMS: atom_id res chain seq x y z
N ALA A 1 20.63 -2.57 10.68
CA ALA A 1 19.52 -1.94 11.47
C ALA A 1 18.18 -2.56 11.11
N ILE A 2 18.10 -3.87 11.20
CA ILE A 2 16.86 -4.59 10.90
C ILE A 2 16.39 -5.40 12.11
N SER A 3 15.10 -5.27 12.41
CA SER A 3 14.49 -5.95 13.54
C SER A 3 13.84 -7.28 13.15
N ILE A 4 14.11 -8.32 13.92
CA ILE A 4 13.54 -9.63 13.68
C ILE A 4 12.42 -9.87 14.69
N LYS A 5 11.19 -9.97 14.22
CA LYS A 5 10.05 -10.19 15.10
C LYS A 5 10.00 -11.59 15.69
N THR A 6 9.57 -11.67 16.95
CA THR A 6 9.45 -12.94 17.64
C THR A 6 8.16 -13.63 17.19
N PRO A 7 8.00 -14.92 17.53
CA PRO A 7 6.78 -15.63 17.13
C PRO A 7 5.53 -14.94 17.67
N GLU A 8 5.62 -14.47 18.91
CA GLU A 8 4.51 -13.78 19.57
C GLU A 8 4.19 -12.47 18.86
N ASP A 9 5.23 -11.74 18.47
CA ASP A 9 5.05 -10.47 17.77
C ASP A 9 4.48 -10.68 16.38
N ILE A 10 4.94 -11.73 15.69
CA ILE A 10 4.44 -12.02 14.35
C ILE A 10 2.94 -12.30 14.43
N GLU A 11 2.51 -12.99 15.48
CA GLU A 11 1.09 -13.30 15.65
C GLU A 11 0.31 -11.99 15.82
N LYS A 12 0.90 -11.06 16.56
CA LYS A 12 0.24 -9.77 16.78
C LYS A 12 0.18 -9.01 15.45
N MET A 13 1.16 -9.21 14.59
CA MET A 13 1.18 -8.57 13.29
C MET A 13 0.12 -9.21 12.39
N ARG A 14 -0.15 -10.50 12.59
CA ARG A 14 -1.16 -11.18 11.80
C ARG A 14 -2.52 -10.57 12.10
N VAL A 15 -2.78 -10.32 13.38
CA VAL A 15 -4.04 -9.73 13.80
C VAL A 15 -4.17 -8.32 13.24
N ALA A 16 -3.14 -7.51 13.43
CA ALA A 16 -3.15 -6.12 12.94
C ALA A 16 -3.30 -6.07 11.42
N GLY A 17 -2.58 -6.96 10.73
CA GLY A 17 -2.66 -6.99 9.27
C GLY A 17 -4.03 -7.42 8.80
N ARG A 18 -4.63 -8.38 9.50
CA ARG A 18 -5.95 -8.87 9.14
C ARG A 18 -6.95 -7.73 9.25
N LEU A 19 -6.86 -6.97 10.34
CA LEU A 19 -7.78 -5.85 10.55
C LEU A 19 -7.65 -4.81 9.44
N ALA A 20 -6.41 -4.48 9.06
CA ALA A 20 -6.20 -3.50 8.02
C ALA A 20 -6.86 -3.96 6.72
N ALA A 21 -6.66 -5.23 6.38
CA ALA A 21 -7.24 -5.80 5.18
C ALA A 21 -8.76 -5.79 5.23
N GLU A 22 -9.31 -6.08 6.41
CA GLU A 22 -10.76 -6.12 6.56
C GLU A 22 -11.40 -4.73 6.42
N VAL A 23 -10.61 -3.67 6.64
CA VAL A 23 -11.15 -2.34 6.47
C VAL A 23 -11.42 -2.15 4.98
N LEU A 24 -10.47 -2.60 4.16
CA LEU A 24 -10.60 -2.49 2.71
C LEU A 24 -11.74 -3.36 2.18
N GLU A 25 -11.90 -4.55 2.75
CA GLU A 25 -12.99 -5.43 2.32
C GLU A 25 -14.33 -4.82 2.70
N MET A 26 -14.37 -4.20 3.88
CA MET A 26 -15.57 -3.57 4.39
C MET A 26 -16.03 -2.37 3.58
N ILE A 27 -15.09 -1.51 3.22
CA ILE A 27 -15.41 -0.29 2.49
C ILE A 27 -15.79 -0.47 1.02
N GLU A 28 -15.36 -1.58 0.42
CA GLU A 28 -15.63 -1.84 -1.00
C GLU A 28 -17.02 -1.48 -1.52
N PRO A 29 -18.09 -1.97 -0.87
CA PRO A 29 -19.44 -1.67 -1.32
C PRO A 29 -19.77 -0.18 -1.39
N TYR A 30 -19.13 0.60 -0.51
CA TYR A 30 -19.37 2.03 -0.46
C TYR A 30 -18.65 2.83 -1.53
N VAL A 31 -17.66 2.23 -2.19
CA VAL A 31 -16.90 2.94 -3.22
C VAL A 31 -17.66 2.96 -4.55
N LYS A 32 -18.63 3.85 -4.64
CA LYS A 32 -19.44 3.99 -5.84
C LYS A 32 -19.61 5.45 -6.25
N PRO A 33 -20.07 5.69 -7.49
CA PRO A 33 -20.26 7.06 -7.96
C PRO A 33 -21.17 7.87 -7.04
N GLY A 34 -20.78 9.10 -6.76
CA GLY A 34 -21.60 9.95 -5.92
C GLY A 34 -21.18 10.09 -4.47
N VAL A 35 -20.39 9.16 -3.96
CA VAL A 35 -19.96 9.21 -2.56
C VAL A 35 -18.75 10.12 -2.40
N SER A 36 -18.65 10.79 -1.26
CA SER A 36 -17.52 11.69 -1.01
C SER A 36 -16.41 10.93 -0.31
N THR A 37 -15.17 11.37 -0.52
CA THR A 37 -14.05 10.70 0.13
C THR A 37 -14.12 10.96 1.63
N GLY A 38 -14.74 12.07 1.99
CA GLY A 38 -14.88 12.42 3.40
C GLY A 38 -15.74 11.40 4.13
N GLU A 39 -16.85 11.00 3.52
CA GLU A 39 -17.73 10.02 4.15
C GLU A 39 -17.04 8.66 4.22
N LEU A 40 -16.29 8.31 3.18
CA LEU A 40 -15.59 7.04 3.16
C LEU A 40 -14.62 6.96 4.34
N ASP A 41 -13.93 8.06 4.61
CA ASP A 41 -12.98 8.12 5.72
C ASP A 41 -13.68 7.94 7.06
N ARG A 42 -14.87 8.55 7.21
CA ARG A 42 -15.62 8.44 8.45
C ARG A 42 -16.10 7.01 8.65
N ILE A 43 -16.54 6.38 7.57
CA ILE A 43 -17.01 4.99 7.63
C ILE A 43 -15.86 4.08 8.04
N CYS A 44 -14.68 4.31 7.48
CA CYS A 44 -13.51 3.50 7.83
C CYS A 44 -13.12 3.71 9.30
N ASN A 45 -13.13 4.97 9.74
CA ASN A 45 -12.75 5.25 11.12
C ASN A 45 -13.72 4.67 12.13
N ASP A 46 -15.02 4.78 11.87
CA ASP A 46 -16.01 4.22 12.78
C ASP A 46 -15.82 2.72 12.88
N TYR A 47 -15.50 2.09 11.76
CA TYR A 47 -15.30 0.65 11.74
C TYR A 47 -14.07 0.26 12.56
N ILE A 48 -12.97 0.97 12.33
CA ILE A 48 -11.72 0.69 13.04
C ILE A 48 -11.87 0.86 14.55
N VAL A 49 -12.46 1.98 14.96
CA VAL A 49 -12.63 2.27 16.38
C VAL A 49 -13.70 1.45 17.09
N ASN A 50 -14.92 1.48 16.55
CA ASN A 50 -16.05 0.79 17.16
C ASN A 50 -16.22 -0.70 16.90
N GLU A 51 -15.76 -1.19 15.75
CA GLU A 51 -15.89 -2.61 15.44
C GLU A 51 -14.62 -3.40 15.68
N GLN A 52 -13.49 -2.92 15.17
CA GLN A 52 -12.23 -3.62 15.33
C GLN A 52 -11.57 -3.33 16.68
N HIS A 53 -12.03 -2.29 17.35
CA HIS A 53 -11.47 -1.90 18.63
C HIS A 53 -9.98 -1.61 18.45
N ALA A 54 -9.65 -0.97 17.34
CA ALA A 54 -8.28 -0.60 17.01
C ALA A 54 -8.28 0.91 16.79
N VAL A 55 -7.17 1.42 16.26
CA VAL A 55 -7.06 2.85 16.00
C VAL A 55 -6.29 3.08 14.69
N SER A 56 -6.59 4.19 14.02
CA SER A 56 -5.88 4.52 12.79
C SER A 56 -4.50 5.05 13.17
N ALA A 57 -3.47 4.50 12.57
CA ALA A 57 -2.10 4.93 12.84
C ALA A 57 -1.75 6.18 12.04
N CYS A 58 -2.60 6.54 11.08
CA CYS A 58 -2.36 7.70 10.23
C CYS A 58 -2.75 9.04 10.84
N LEU A 59 -3.82 9.05 11.62
CA LEU A 59 -4.29 10.29 12.22
C LEU A 59 -3.26 10.87 13.19
N GLY A 60 -2.60 11.95 12.78
CA GLY A 60 -1.60 12.58 13.61
C GLY A 60 -0.17 12.30 13.21
N TYR A 61 0.02 11.25 12.41
CA TYR A 61 1.35 10.88 11.96
C TYR A 61 1.93 12.03 11.13
N HIS A 62 2.98 12.65 11.66
CA HIS A 62 3.62 13.78 10.99
C HIS A 62 2.56 14.86 10.73
N GLY A 63 1.47 14.78 11.49
CA GLY A 63 0.40 15.77 11.35
C GLY A 63 -0.73 15.42 10.39
N TYR A 64 -0.76 14.19 9.89
CA TYR A 64 -1.83 13.80 8.96
C TYR A 64 -3.19 13.99 9.64
N PRO A 65 -4.09 14.75 8.99
CA PRO A 65 -5.43 15.07 9.50
C PRO A 65 -6.57 14.03 9.45
N LYS A 66 -6.45 13.00 8.64
CA LYS A 66 -7.53 12.01 8.56
C LYS A 66 -7.15 10.59 8.98
N SER A 67 -8.13 9.68 8.93
CA SER A 67 -7.91 8.30 9.35
C SER A 67 -7.30 7.40 8.27
N VAL A 68 -7.68 7.63 7.02
CA VAL A 68 -7.16 6.87 5.90
C VAL A 68 -6.79 7.84 4.80
N CYS A 69 -6.05 7.37 3.80
CA CYS A 69 -5.68 8.22 2.67
C CYS A 69 -6.50 7.75 1.50
N ILE A 70 -7.09 8.69 0.77
CA ILE A 70 -7.90 8.33 -0.39
C ILE A 70 -7.41 9.18 -1.55
N SER A 71 -6.76 8.50 -2.50
CA SER A 71 -6.16 9.16 -3.66
C SER A 71 -6.87 8.80 -4.97
N ILE A 72 -7.34 9.83 -5.66
CA ILE A 72 -8.07 9.66 -6.90
C ILE A 72 -7.29 10.02 -8.16
N ASN A 73 -7.36 9.16 -9.17
CA ASN A 73 -6.72 9.37 -10.46
C ASN A 73 -5.27 9.88 -10.46
N GLU A 74 -5.07 11.17 -10.74
CA GLU A 74 -3.71 11.72 -10.79
C GLU A 74 -3.06 11.92 -9.43
N VAL A 75 -3.83 11.76 -8.36
CA VAL A 75 -3.29 11.90 -7.02
C VAL A 75 -2.48 10.63 -6.75
N VAL A 76 -1.19 10.81 -6.46
CA VAL A 76 -0.30 9.67 -6.22
C VAL A 76 -0.45 9.04 -4.85
N CYS A 77 -0.60 9.87 -3.83
CA CYS A 77 -0.74 9.38 -2.47
C CYS A 77 -1.13 10.50 -1.54
N HIS A 78 -1.47 10.13 -0.31
CA HIS A 78 -1.85 11.06 0.74
C HIS A 78 -3.05 11.95 0.42
N GLY A 79 -3.93 11.48 -0.46
CA GLY A 79 -5.12 12.25 -0.80
C GLY A 79 -5.91 12.46 0.48
N ILE A 80 -6.27 13.70 0.76
CA ILE A 80 -7.01 14.00 1.98
C ILE A 80 -8.53 13.89 1.82
N PRO A 81 -9.14 12.95 2.59
CA PRO A 81 -10.60 12.80 2.48
C PRO A 81 -11.30 14.13 2.70
N ASP A 82 -12.26 14.43 1.84
CA ASP A 82 -13.00 15.68 1.94
C ASP A 82 -14.46 15.43 1.57
N ASP A 83 -15.36 16.07 2.29
CA ASP A 83 -16.79 15.90 2.03
C ASP A 83 -17.23 16.53 0.72
N ALA A 84 -16.38 17.38 0.14
CA ALA A 84 -16.72 18.03 -1.11
C ALA A 84 -16.14 17.32 -2.33
N LYS A 85 -15.40 16.24 -2.11
CA LYS A 85 -14.81 15.49 -3.21
C LYS A 85 -15.59 14.20 -3.48
N LEU A 86 -16.36 14.21 -4.56
CA LEU A 86 -17.18 13.06 -4.92
C LEU A 86 -16.55 12.18 -5.98
N LEU A 87 -16.72 10.87 -5.81
CA LEU A 87 -16.19 9.91 -6.77
C LEU A 87 -17.11 9.94 -7.97
N LYS A 88 -16.54 9.71 -9.17
CA LYS A 88 -17.34 9.70 -10.37
C LYS A 88 -16.99 8.51 -11.26
N ASP A 89 -17.91 8.18 -12.16
CA ASP A 89 -17.75 7.07 -13.09
C ASP A 89 -16.40 7.11 -13.81
N GLY A 90 -15.68 5.99 -13.77
CA GLY A 90 -14.38 5.92 -14.43
C GLY A 90 -13.17 6.18 -13.55
N ASP A 91 -13.39 6.77 -12.37
CA ASP A 91 -12.29 7.06 -11.45
C ASP A 91 -11.58 5.81 -10.95
N ILE A 92 -10.29 5.94 -10.68
CA ILE A 92 -9.53 4.85 -10.07
C ILE A 92 -9.19 5.49 -8.73
N VAL A 93 -9.38 4.75 -7.64
CA VAL A 93 -9.14 5.30 -6.31
C VAL A 93 -8.39 4.36 -5.39
N ASN A 94 -7.36 4.89 -4.73
CA ASN A 94 -6.60 4.10 -3.78
C ASN A 94 -7.04 4.48 -2.37
N ILE A 95 -7.24 3.49 -1.52
CA ILE A 95 -7.56 3.76 -0.13
C ILE A 95 -6.44 3.03 0.60
N ASP A 96 -5.63 3.81 1.32
CA ASP A 96 -4.50 3.26 2.05
C ASP A 96 -4.85 3.31 3.53
N VAL A 97 -4.79 2.15 4.17
CA VAL A 97 -5.14 1.99 5.57
C VAL A 97 -3.99 1.49 6.43
N THR A 98 -3.91 2.01 7.66
CA THR A 98 -2.91 1.55 8.60
C THR A 98 -3.56 1.59 9.98
N VAL A 99 -3.64 0.43 10.61
CA VAL A 99 -4.24 0.34 11.94
C VAL A 99 -3.22 -0.14 12.96
N ILE A 100 -3.44 0.23 14.21
CA ILE A 100 -2.57 -0.22 15.27
C ILE A 100 -3.47 -1.00 16.20
N LYS A 101 -3.06 -2.23 16.52
CA LYS A 101 -3.83 -3.09 17.40
C LYS A 101 -2.84 -3.82 18.30
N ASP A 102 -3.04 -3.67 19.60
CA ASP A 102 -2.18 -4.32 20.59
C ASP A 102 -0.72 -3.92 20.37
N GLY A 103 -0.51 -2.67 19.96
CA GLY A 103 0.84 -2.16 19.76
C GLY A 103 1.49 -2.38 18.40
N PHE A 104 0.87 -3.17 17.54
CA PHE A 104 1.45 -3.43 16.23
C PHE A 104 0.66 -2.89 15.04
N HIS A 105 1.38 -2.54 13.99
CA HIS A 105 0.81 -1.95 12.78
C HIS A 105 0.49 -2.92 11.65
N GLY A 106 -0.63 -2.65 10.97
CA GLY A 106 -1.08 -3.42 9.82
C GLY A 106 -1.22 -2.34 8.74
N ASP A 107 -0.50 -2.47 7.64
CA ASP A 107 -0.50 -1.46 6.59
C ASP A 107 -0.82 -2.03 5.21
N THR A 108 -1.86 -1.50 4.57
CA THR A 108 -2.25 -2.03 3.26
C THR A 108 -3.15 -1.08 2.46
N SER A 109 -3.10 -1.21 1.14
CA SER A 109 -3.92 -0.38 0.27
C SER A 109 -4.25 -1.13 -1.02
N LYS A 110 -5.28 -0.68 -1.72
CA LYS A 110 -5.67 -1.29 -2.97
C LYS A 110 -6.37 -0.24 -3.82
N MET A 111 -6.50 -0.56 -5.10
CA MET A 111 -7.18 0.33 -6.03
C MET A 111 -8.62 -0.15 -6.19
N PHE A 112 -9.53 0.80 -6.35
CA PHE A 112 -10.95 0.51 -6.59
C PHE A 112 -11.28 1.25 -7.86
N ILE A 113 -12.00 0.62 -8.78
CA ILE A 113 -12.38 1.34 -10.00
C ILE A 113 -13.85 1.68 -9.82
N VAL A 114 -14.19 2.95 -10.00
CA VAL A 114 -15.56 3.42 -9.83
C VAL A 114 -16.41 3.38 -11.09
N GLY A 115 -17.59 2.79 -10.96
CA GLY A 115 -18.50 2.68 -12.09
C GLY A 115 -17.90 1.95 -13.27
N LYS A 116 -18.16 2.44 -14.48
CA LYS A 116 -17.63 1.82 -15.68
C LYS A 116 -16.13 2.07 -15.76
N PRO A 117 -15.33 1.00 -15.73
CA PRO A 117 -13.88 1.16 -15.80
C PRO A 117 -13.40 1.56 -17.20
N THR A 118 -12.33 2.33 -17.26
CA THR A 118 -11.76 2.71 -18.53
C THR A 118 -10.68 1.66 -18.73
N ILE A 119 -10.46 1.24 -19.97
CA ILE A 119 -9.46 0.22 -20.24
C ILE A 119 -8.07 0.57 -19.70
N MET A 120 -7.66 1.82 -19.87
CA MET A 120 -6.34 2.23 -19.39
C MET A 120 -6.27 2.27 -17.87
N GLY A 121 -7.36 2.69 -17.23
CA GLY A 121 -7.37 2.73 -15.77
C GLY A 121 -7.23 1.31 -15.26
N GLU A 122 -7.99 0.40 -15.86
CA GLU A 122 -7.95 -1.00 -15.46
C GLU A 122 -6.57 -1.58 -15.70
N ARG A 123 -5.95 -1.21 -16.81
CA ARG A 123 -4.62 -1.72 -17.14
C ARG A 123 -3.58 -1.25 -16.12
N LEU A 124 -3.59 0.04 -15.82
CA LEU A 124 -2.64 0.60 -14.85
C LEU A 124 -2.79 -0.09 -13.50
N CYS A 125 -4.02 -0.27 -13.03
CA CYS A 125 -4.23 -0.92 -11.74
C CYS A 125 -3.76 -2.37 -11.78
N ARG A 126 -4.07 -3.06 -12.86
CA ARG A 126 -3.69 -4.47 -13.00
C ARG A 126 -2.17 -4.64 -12.96
N ILE A 127 -1.46 -3.83 -13.75
CA ILE A 127 -0.01 -3.88 -13.82
C ILE A 127 0.62 -3.50 -12.49
N THR A 128 0.05 -2.51 -11.81
CA THR A 128 0.59 -2.09 -10.52
C THR A 128 0.47 -3.21 -9.50
N GLN A 129 -0.68 -3.88 -9.49
CA GLN A 129 -0.87 -4.97 -8.56
C GLN A 129 0.07 -6.11 -8.93
N GLU A 130 0.24 -6.36 -10.23
CA GLU A 130 1.13 -7.43 -10.66
C GLU A 130 2.59 -7.11 -10.30
N SER A 131 2.95 -5.83 -10.26
CA SER A 131 4.32 -5.47 -9.90
C SER A 131 4.53 -5.78 -8.42
N LEU A 132 3.47 -5.63 -7.62
CA LEU A 132 3.56 -5.94 -6.20
C LEU A 132 3.62 -7.45 -6.05
N TYR A 133 2.80 -8.16 -6.82
CA TYR A 133 2.77 -9.61 -6.77
C TYR A 133 4.11 -10.25 -7.15
N LEU A 134 4.72 -9.76 -8.21
CA LEU A 134 6.01 -10.32 -8.64
C LEU A 134 7.07 -10.11 -7.55
N ALA A 135 7.03 -8.94 -6.90
CA ALA A 135 7.99 -8.64 -5.85
C ALA A 135 7.76 -9.60 -4.68
N LEU A 136 6.49 -9.82 -4.34
CA LEU A 136 6.16 -10.72 -3.24
C LEU A 136 6.66 -12.13 -3.51
N ARG A 137 6.59 -12.57 -4.76
CA ARG A 137 7.04 -13.91 -5.12
C ARG A 137 8.56 -14.05 -5.05
N MET A 138 9.26 -12.93 -4.95
CA MET A 138 10.73 -12.95 -4.88
C MET A 138 11.24 -12.96 -3.44
N VAL A 139 10.38 -12.61 -2.50
CA VAL A 139 10.78 -12.53 -1.09
C VAL A 139 11.13 -13.84 -0.41
N LYS A 140 12.35 -13.90 0.12
CA LYS A 140 12.86 -15.06 0.84
C LYS A 140 14.23 -14.70 1.41
N PRO A 141 14.65 -15.41 2.47
CA PRO A 141 15.96 -15.11 3.06
C PRO A 141 17.09 -15.18 2.03
N GLY A 142 18.08 -14.30 2.18
CA GLY A 142 19.21 -14.30 1.27
C GLY A 142 19.14 -13.36 0.08
N ILE A 143 17.93 -12.98 -0.32
CA ILE A 143 17.78 -12.08 -1.45
C ILE A 143 17.96 -10.64 -0.98
N ASN A 144 18.49 -9.79 -1.85
CA ASN A 144 18.72 -8.38 -1.52
C ASN A 144 17.54 -7.55 -2.01
N LEU A 145 17.13 -6.57 -1.21
CA LEU A 145 16.02 -5.70 -1.59
C LEU A 145 16.29 -5.00 -2.91
N ARG A 146 17.56 -4.76 -3.22
CA ARG A 146 17.90 -4.09 -4.47
C ARG A 146 17.38 -4.89 -5.67
N GLU A 147 17.47 -6.21 -5.57
CA GLU A 147 16.99 -7.09 -6.64
C GLU A 147 15.50 -6.94 -6.83
N ILE A 148 14.77 -6.90 -5.71
CA ILE A 148 13.33 -6.76 -5.77
C ILE A 148 12.94 -5.42 -6.36
N GLY A 149 13.60 -4.35 -5.90
CA GLY A 149 13.32 -3.02 -6.43
C GLY A 149 13.57 -2.96 -7.92
N ALA A 150 14.67 -3.56 -8.36
CA ALA A 150 15.04 -3.57 -9.77
C ALA A 150 13.99 -4.31 -10.60
N ALA A 151 13.48 -5.41 -10.06
CA ALA A 151 12.48 -6.20 -10.76
C ALA A 151 11.16 -5.46 -10.93
N ILE A 152 10.75 -4.71 -9.91
CA ILE A 152 9.51 -3.96 -9.97
C ILE A 152 9.62 -2.90 -11.07
N GLN A 153 10.73 -2.17 -11.06
CA GLN A 153 10.95 -1.13 -12.06
C GLN A 153 10.98 -1.67 -13.48
N LYS A 154 11.75 -2.72 -13.69
CA LYS A 154 11.88 -3.33 -15.02
C LYS A 154 10.51 -3.69 -15.58
N PHE A 155 9.69 -4.32 -14.76
CA PHE A 155 8.35 -4.74 -15.15
C PHE A 155 7.45 -3.55 -15.46
N VAL A 156 7.43 -2.59 -14.56
CA VAL A 156 6.60 -1.40 -14.73
C VAL A 156 6.94 -0.58 -15.97
N GLU A 157 8.23 -0.37 -16.19
CA GLU A 157 8.67 0.41 -17.34
C GLU A 157 8.45 -0.34 -18.66
N ALA A 158 8.46 -1.66 -18.60
CA ALA A 158 8.24 -2.46 -19.81
C ALA A 158 6.80 -2.27 -20.28
N GLU A 159 5.94 -1.79 -19.38
CA GLU A 159 4.54 -1.55 -19.71
C GLU A 159 4.33 -0.12 -20.16
N GLY A 160 5.41 0.66 -20.17
CA GLY A 160 5.31 2.05 -20.58
C GLY A 160 4.93 2.97 -19.44
N PHE A 161 5.03 2.47 -18.22
CA PHE A 161 4.71 3.27 -17.04
C PHE A 161 5.98 3.67 -16.30
N SER A 162 5.83 4.48 -15.24
CA SER A 162 6.98 4.91 -14.45
C SER A 162 6.78 4.65 -12.96
N VAL A 163 7.89 4.58 -12.23
CA VAL A 163 7.85 4.31 -10.80
C VAL A 163 8.17 5.57 -10.01
N VAL A 164 7.32 5.93 -9.05
CA VAL A 164 7.56 7.10 -8.23
C VAL A 164 8.75 6.81 -7.31
N ARG A 165 9.69 7.76 -7.26
CA ARG A 165 10.90 7.59 -6.47
C ARG A 165 10.85 8.12 -5.05
N GLU A 166 10.01 9.12 -4.81
CA GLU A 166 9.91 9.75 -3.49
C GLU A 166 9.39 8.90 -2.35
N TYR A 167 8.67 7.82 -2.67
CA TYR A 167 8.11 6.98 -1.63
C TYR A 167 8.53 5.53 -1.75
N CYS A 168 8.59 4.86 -0.60
CA CYS A 168 9.04 3.48 -0.57
C CYS A 168 8.30 2.64 0.46
N GLY A 169 8.50 1.33 0.36
CA GLY A 169 7.94 0.40 1.31
C GLY A 169 8.78 0.58 2.56
N HIS A 170 8.42 -0.08 3.66
CA HIS A 170 9.17 0.12 4.88
C HIS A 170 9.00 -0.98 5.90
N GLY A 171 9.96 -1.05 6.82
CA GLY A 171 9.88 -2.00 7.91
C GLY A 171 8.66 -1.55 8.69
N ILE A 172 8.07 -2.46 9.45
CA ILE A 172 6.88 -2.13 10.21
C ILE A 172 6.75 -3.07 11.40
N GLY A 173 6.19 -2.56 12.49
CA GLY A 173 6.01 -3.36 13.69
C GLY A 173 5.37 -2.47 14.76
N ARG A 174 6.08 -2.22 15.85
CA ARG A 174 5.56 -1.35 16.89
C ARG A 174 5.66 0.08 16.36
N GLY A 175 6.46 0.25 15.32
CA GLY A 175 6.62 1.55 14.70
C GLY A 175 5.92 1.49 13.34
N PHE A 176 5.44 2.63 12.86
CA PHE A 176 4.75 2.70 11.58
C PHE A 176 5.78 2.50 10.47
N HIS A 177 6.78 3.38 10.43
CA HIS A 177 7.84 3.30 9.44
C HIS A 177 9.17 2.95 10.10
N GLU A 178 9.55 1.68 10.05
CA GLU A 178 10.81 1.22 10.62
C GLU A 178 11.77 0.86 9.49
N GLU A 179 13.02 0.61 9.82
CA GLU A 179 13.98 0.21 8.80
C GLU A 179 13.61 -1.22 8.45
N PRO A 180 13.93 -1.66 7.23
CA PRO A 180 14.60 -0.94 6.16
C PRO A 180 13.66 -0.19 5.22
N GLN A 181 14.24 0.57 4.30
CA GLN A 181 13.46 1.28 3.31
C GLN A 181 13.39 0.30 2.15
N VAL A 182 12.21 0.12 1.59
CA VAL A 182 12.03 -0.80 0.47
C VAL A 182 11.72 -0.03 -0.80
N LEU A 183 12.78 0.32 -1.54
CA LEU A 183 12.63 1.07 -2.78
C LEU A 183 12.00 0.21 -3.86
N HIS A 184 11.19 0.81 -4.71
CA HIS A 184 10.53 0.07 -5.78
C HIS A 184 11.24 0.27 -7.11
N TYR A 185 12.53 0.59 -7.03
CA TYR A 185 13.34 0.80 -8.22
C TYR A 185 14.79 0.48 -7.88
N ASP A 186 15.61 0.33 -8.90
CA ASP A 186 17.02 0.01 -8.67
C ASP A 186 17.83 1.22 -8.23
N SER A 187 18.44 1.11 -7.06
CA SER A 187 19.27 2.19 -6.53
C SER A 187 20.59 1.62 -6.04
N ARG A 188 21.68 2.28 -6.40
CA ARG A 188 23.00 1.85 -5.99
C ARG A 188 23.20 1.97 -4.48
N GLU A 189 22.27 2.62 -3.81
CA GLU A 189 22.36 2.81 -2.36
C GLU A 189 21.83 1.61 -1.61
N THR A 190 20.87 0.90 -2.21
CA THR A 190 20.24 -0.25 -1.56
C THR A 190 21.10 -1.50 -1.40
N ASN A 191 21.25 -1.95 -0.16
CA ASN A 191 22.01 -3.15 0.16
C ASN A 191 21.47 -3.75 1.44
N VAL A 192 20.36 -4.47 1.32
CA VAL A 192 19.73 -5.11 2.48
C VAL A 192 19.36 -6.54 2.13
N VAL A 193 19.94 -7.49 2.86
CA VAL A 193 19.69 -8.91 2.63
C VAL A 193 18.60 -9.36 3.60
N LEU A 194 17.54 -9.95 3.06
CA LEU A 194 16.42 -10.40 3.87
C LEU A 194 16.74 -11.55 4.80
N LYS A 195 16.13 -11.50 5.99
CA LYS A 195 16.31 -12.51 7.02
C LYS A 195 14.93 -12.93 7.52
N PRO A 196 14.78 -14.20 7.94
CA PRO A 196 13.48 -14.67 8.44
C PRO A 196 13.03 -13.86 9.66
N GLY A 197 11.74 -13.54 9.72
CA GLY A 197 11.24 -12.77 10.84
C GLY A 197 11.11 -11.28 10.58
N MET A 198 11.70 -10.81 9.48
CA MET A 198 11.59 -9.40 9.15
C MET A 198 10.18 -9.11 8.66
N THR A 199 9.63 -7.97 9.08
CA THR A 199 8.29 -7.58 8.64
C THR A 199 8.40 -6.22 7.99
N PHE A 200 7.91 -6.13 6.76
CA PHE A 200 7.95 -4.87 6.04
C PHE A 200 6.85 -4.82 4.99
N THR A 201 6.73 -3.68 4.34
CA THR A 201 5.72 -3.48 3.32
C THR A 201 6.35 -3.28 1.95
N ILE A 202 5.55 -3.53 0.92
CA ILE A 202 5.94 -3.30 -0.46
C ILE A 202 4.72 -2.54 -0.96
N GLU A 203 4.94 -1.36 -1.51
CA GLU A 203 3.83 -0.50 -1.94
C GLU A 203 4.15 0.36 -3.15
N PRO A 204 4.44 -0.26 -4.29
CA PRO A 204 4.77 0.50 -5.50
C PRO A 204 3.72 1.50 -5.94
N MET A 205 4.20 2.70 -6.28
CA MET A 205 3.34 3.77 -6.79
C MET A 205 3.76 3.89 -8.25
N VAL A 206 2.81 3.64 -9.15
CA VAL A 206 3.11 3.66 -10.58
C VAL A 206 2.30 4.72 -11.35
N ASN A 207 2.99 5.49 -12.17
CA ASN A 207 2.35 6.54 -12.96
C ASN A 207 2.21 6.09 -14.40
N ALA A 208 1.09 6.45 -15.03
CA ALA A 208 0.88 6.10 -16.42
C ALA A 208 1.82 6.94 -17.27
N GLY A 209 2.12 8.15 -16.79
CA GLY A 209 3.01 9.04 -17.51
C GLY A 209 4.40 9.09 -16.90
N LYS A 210 4.91 10.31 -16.70
CA LYS A 210 6.25 10.49 -16.13
C LYS A 210 6.29 10.33 -14.62
N LYS A 211 7.47 10.03 -14.10
CA LYS A 211 7.67 9.79 -12.68
C LYS A 211 7.59 11.01 -11.76
N GLU A 212 7.84 12.20 -12.30
CA GLU A 212 7.81 13.41 -11.48
C GLU A 212 6.48 13.68 -10.78
N ILE A 213 6.56 14.18 -9.56
CA ILE A 213 5.36 14.49 -8.78
C ILE A 213 5.36 15.94 -8.29
N ARG A 214 4.21 16.35 -7.75
CA ARG A 214 4.03 17.70 -7.23
C ARG A 214 3.16 17.64 -5.99
N THR A 215 3.54 18.35 -4.94
CA THR A 215 2.75 18.37 -3.72
C THR A 215 1.87 19.61 -3.72
N MET A 216 0.59 19.43 -3.47
CA MET A 216 -0.36 20.53 -3.46
C MET A 216 -0.08 21.48 -2.30
N LYS A 217 -0.77 22.61 -2.28
CA LYS A 217 -0.53 23.59 -1.23
C LYS A 217 -1.25 23.34 0.09
N ASP A 218 -1.72 22.11 0.27
CA ASP A 218 -2.36 21.73 1.51
C ASP A 218 -1.31 20.94 2.27
N GLY A 219 -0.13 20.87 1.66
CA GLY A 219 1.01 20.18 2.24
C GLY A 219 0.93 18.68 2.34
N TRP A 220 -0.08 18.07 1.70
CA TRP A 220 -0.24 16.62 1.76
C TRP A 220 -0.53 15.94 0.43
N THR A 221 -1.53 16.46 -0.29
CA THR A 221 -1.91 15.87 -1.56
C THR A 221 -0.79 15.88 -2.60
N VAL A 222 -0.40 14.70 -3.04
CA VAL A 222 0.64 14.56 -4.04
C VAL A 222 0.00 14.15 -5.36
N LYS A 223 0.40 14.83 -6.43
CA LYS A 223 -0.13 14.53 -7.76
C LYS A 223 1.00 14.32 -8.74
N THR A 224 0.69 13.69 -9.86
CA THR A 224 1.68 13.48 -10.90
C THR A 224 1.89 14.86 -11.51
N LYS A 225 3.14 15.19 -11.83
CA LYS A 225 3.46 16.49 -12.40
C LYS A 225 2.74 16.70 -13.74
N ASP A 226 2.63 15.64 -14.54
CA ASP A 226 1.96 15.73 -15.83
C ASP A 226 0.48 15.40 -15.74
N ARG A 227 0.00 15.22 -14.52
CA ARG A 227 -1.40 14.90 -14.26
C ARG A 227 -1.86 13.58 -14.90
N SER A 228 -0.94 12.65 -15.08
CA SER A 228 -1.30 11.34 -15.64
C SER A 228 -1.82 10.52 -14.46
N LEU A 229 -2.54 9.44 -14.76
CA LEU A 229 -3.08 8.57 -13.72
C LEU A 229 -1.98 7.91 -12.92
N SER A 230 -2.25 7.60 -11.66
CA SER A 230 -1.28 6.93 -10.79
C SER A 230 -1.99 5.87 -9.96
N ALA A 231 -1.34 4.74 -9.73
CA ALA A 231 -1.95 3.67 -8.96
C ALA A 231 -0.97 3.07 -7.96
N GLN A 232 -1.51 2.48 -6.90
CA GLN A 232 -0.72 1.86 -5.86
C GLN A 232 -1.46 0.72 -5.19
N TYR A 233 -0.70 -0.30 -4.79
CA TYR A 233 -1.22 -1.45 -4.04
C TYR A 233 -0.15 -1.70 -2.99
N GLU A 234 -0.57 -2.16 -1.82
CA GLU A 234 0.39 -2.41 -0.75
C GLU A 234 -0.02 -3.59 0.13
N HIS A 235 0.99 -4.33 0.59
CA HIS A 235 0.79 -5.44 1.50
C HIS A 235 1.88 -5.42 2.55
N THR A 236 1.55 -5.93 3.73
CA THR A 236 2.50 -6.05 4.83
C THR A 236 2.81 -7.54 4.84
N ILE A 237 4.09 -7.88 4.97
CA ILE A 237 4.50 -9.27 4.98
C ILE A 237 5.54 -9.58 6.04
N VAL A 238 5.74 -10.87 6.29
CA VAL A 238 6.74 -11.34 7.22
C VAL A 238 7.58 -12.33 6.42
N VAL A 239 8.89 -12.23 6.52
CA VAL A 239 9.77 -13.14 5.79
C VAL A 239 9.78 -14.46 6.57
N THR A 240 9.57 -15.56 5.88
CA THR A 240 9.57 -16.87 6.52
C THR A 240 10.90 -17.56 6.21
N ASP A 241 11.04 -18.81 6.62
CA ASP A 241 12.29 -19.54 6.39
C ASP A 241 12.59 -19.79 4.91
N ASN A 242 11.56 -19.93 4.09
CA ASN A 242 11.76 -20.19 2.67
C ASN A 242 10.86 -19.34 1.77
N GLY A 243 10.51 -18.15 2.24
CA GLY A 243 9.66 -17.27 1.45
C GLY A 243 9.05 -16.18 2.31
N CYS A 244 7.73 -16.02 2.21
CA CYS A 244 7.05 -15.01 3.01
C CYS A 244 5.58 -15.33 3.19
N GLU A 245 4.97 -14.63 4.14
CA GLU A 245 3.55 -14.78 4.43
C GLU A 245 2.94 -13.38 4.36
N ILE A 246 1.88 -13.23 3.56
CA ILE A 246 1.22 -11.95 3.41
C ILE A 246 0.26 -11.81 4.58
N LEU A 247 0.46 -10.76 5.38
CA LEU A 247 -0.36 -10.53 6.57
C LEU A 247 -1.63 -9.73 6.33
N THR A 248 -1.72 -9.08 5.17
CA THR A 248 -2.87 -8.25 4.83
C THR A 248 -3.65 -8.74 3.62
N LEU A 249 -3.65 -10.05 3.38
CA LEU A 249 -4.36 -10.62 2.24
C LEU A 249 -5.87 -10.43 2.33
N ARG A 250 -6.50 -10.18 1.18
CA ARG A 250 -7.94 -10.00 1.12
C ARG A 250 -8.55 -11.11 0.27
N LYS A 251 -9.87 -11.26 0.32
CA LYS A 251 -10.53 -12.28 -0.47
C LYS A 251 -10.39 -12.05 -1.97
N ASP A 252 -10.23 -10.80 -2.38
CA ASP A 252 -10.09 -10.50 -3.80
C ASP A 252 -8.66 -10.62 -4.32
N ASP A 253 -7.71 -10.83 -3.42
CA ASP A 253 -6.32 -10.99 -3.84
C ASP A 253 -6.24 -12.26 -4.68
N THR A 254 -5.40 -12.24 -5.71
CA THR A 254 -5.20 -13.40 -6.57
C THR A 254 -3.79 -13.94 -6.41
N ILE A 255 -3.34 -13.97 -5.16
CA ILE A 255 -2.03 -14.48 -4.79
C ILE A 255 -2.24 -15.16 -3.44
N PRO A 256 -1.54 -16.26 -3.17
CA PRO A 256 -1.65 -17.01 -1.92
C PRO A 256 -1.09 -16.26 -0.72
N ALA A 257 -1.65 -16.54 0.46
CA ALA A 257 -1.20 -15.91 1.68
C ALA A 257 0.20 -16.39 2.01
N ILE A 258 0.43 -17.68 1.84
CA ILE A 258 1.73 -18.27 2.12
C ILE A 258 2.45 -18.58 0.81
N ILE A 259 3.60 -17.94 0.60
CA ILE A 259 4.39 -18.16 -0.59
C ILE A 259 5.66 -18.92 -0.20
N SER A 260 5.70 -20.21 -0.50
CA SER A 260 6.85 -21.04 -0.16
C SER A 260 7.71 -21.36 -1.38
N HIS A 261 9.02 -21.43 -1.16
CA HIS A 261 9.96 -21.74 -2.23
C HIS A 261 10.71 -23.02 -1.94
N ASP A 262 11.68 -23.32 -2.80
CA ASP A 262 12.51 -24.53 -2.68
C ASP A 262 13.29 -24.74 -3.98
MN MN B . 0.06 2.43 3.60
MN MN C . 3.23 1.57 4.03
NA NA D . -4.07 7.87 -8.17
CLAP YE6 E . 4.50 12.47 6.23
CAG YE6 E . 5.33 10.99 5.87
CAH YE6 E . 6.71 11.03 5.74
CAI YE6 E . 7.43 9.88 5.46
CAJ YE6 E . 6.76 8.67 5.31
CAK YE6 E . 5.39 8.63 5.44
CAF YE6 E . 4.66 9.78 5.71
CAD YE6 E . 3.28 9.64 5.84
OAN YE6 E . 2.68 8.44 5.60
CAC YE6 E . 2.34 10.53 6.18
CAB YE6 E . 1.15 9.93 6.16
CAA YE6 E . 1.34 8.66 5.81
CAE YE6 E . 0.26 7.58 5.66
OAO YE6 E . 0.54 6.44 5.30
NAL YE6 E . -0.98 7.97 5.96
NAM YE6 E . -1.88 7.13 5.98
#